data_1MFE
#
_entry.id   1MFE
#
_cell.length_a   47.300
_cell.length_b   128.600
_cell.length_c   79.500
_cell.angle_alpha   90.00
_cell.angle_beta   90.00
_cell.angle_gamma   90.00
#
_symmetry.space_group_name_H-M   'P 21 21 21'
#
loop_
_entity.id
_entity.type
_entity.pdbx_description
1 polymer 'IGG1-LAMBDA SE155-4 FAB (LIGHT CHAIN)'
2 polymer 'IGG1-LAMBDA SE155-4 FAB (HEAVY CHAIN)'
3 branched alpha-D-galactopyranose-(1-2)-[alpha-D-Abequopyranose-(1-3)]alpha-D-mannopyranose
4 water water
#
loop_
_entity_poly.entity_id
_entity_poly.type
_entity_poly.pdbx_seq_one_letter_code
_entity_poly.pdbx_strand_id
1 'polypeptide(L)'
;(PCA)AVVTQESALTTSPGETVTLTCRSSTGTVTSGNHANWVQEKPDHLFTGLIGDTNNRAPGVPARFSGSLIGDKAALT
ITGAQPEDEAIYFCALWCNNHWIFGGGTKLTVLGQPKSSPSVTLFPPSSEELETNKATLVCTITDFYPGVVTVDWKVDGT
PVTQGMETTQPSKQSNNKYMASSYLTLTARAWERHSSYSCQVTHEGHTVEKSLSRADCS
;
L
2 'polypeptide(L)'
;EVQVQQSGTVLARPGASVKMSCKASGYTFTNYWMHWIKQRPGQGLEWIGAIYPGNSATFYNHKFRAKTKLTAVTSTITAY
MELSSLTNEDSAVYYCTRGGHGYYGDYWGQGASLTVSSAKTTPPSVYPLAPGSAAQTDSMVTLGCLVKGYFPEPVTVTWN
SGSLSSGVHTFPAVLQSDLYTLSSSVTVPSSTWPSETVTCNVAHPASSTKVDKKIVPRC
;
H
#
# COMPACT_ATOMS: atom_id res chain seq x y z
N ALA A 2 15.99 -19.32 -5.53
CA ALA A 2 16.62 -18.10 -5.02
C ALA A 2 15.76 -17.00 -4.42
N VAL A 3 16.14 -16.79 -3.17
CA VAL A 3 15.61 -15.75 -2.31
C VAL A 3 16.61 -14.60 -2.20
N VAL A 4 16.11 -13.38 -2.44
CA VAL A 4 16.83 -12.10 -2.43
C VAL A 4 16.41 -11.39 -1.14
N THR A 5 17.46 -10.99 -0.44
CA THR A 5 17.37 -10.47 0.91
C THR A 5 17.90 -9.06 0.97
N GLN A 6 17.08 -8.23 1.63
CA GLN A 6 17.36 -6.83 1.89
C GLN A 6 17.05 -6.42 3.31
N GLU A 7 17.73 -5.42 3.91
CA GLU A 7 17.34 -4.86 5.21
C GLU A 7 15.88 -4.48 5.13
N SER A 8 15.09 -4.63 6.15
CA SER A 8 13.67 -4.26 6.02
C SER A 8 13.37 -2.81 6.35
N ALA A 9 14.17 -2.19 7.18
CA ALA A 9 14.01 -0.75 7.42
C ALA A 9 15.35 -0.13 7.81
N LEU A 10 15.77 1.02 7.24
CA LEU A 10 16.96 1.76 7.68
C LEU A 10 16.58 3.21 8.01
N THR A 11 17.29 3.93 8.92
CA THR A 11 16.98 5.31 9.30
C THR A 11 18.26 6.16 9.20
N THR A 12 18.21 7.26 8.49
CA THR A 12 19.34 8.17 8.43
C THR A 12 18.87 9.62 8.60
N SER A 13 19.80 10.55 8.75
CA SER A 13 19.51 12.00 8.83
C SER A 13 19.80 12.73 7.51
N PRO A 14 19.22 13.87 7.14
CA PRO A 14 19.51 14.57 5.89
C PRO A 14 21.00 14.92 5.86
N GLY A 15 21.75 14.71 4.78
CA GLY A 15 23.19 15.03 4.73
C GLY A 15 24.16 13.89 5.04
N GLU A 16 23.61 12.84 5.61
CA GLU A 16 24.36 11.64 5.90
C GLU A 16 24.43 10.67 4.75
N THR A 17 25.27 9.67 4.86
CA THR A 17 25.47 8.67 3.83
C THR A 17 24.94 7.35 4.36
N VAL A 18 24.11 6.64 3.57
CA VAL A 18 23.55 5.37 4.00
C VAL A 18 23.77 4.32 2.92
N THR A 19 23.94 3.05 3.23
CA THR A 19 24.16 1.99 2.23
C THR A 19 23.14 0.87 2.47
N LEU A 20 22.43 0.51 1.41
CA LEU A 20 21.44 -0.55 1.39
C LEU A 20 22.04 -1.76 0.68
N THR A 21 21.95 -2.98 1.21
CA THR A 21 22.51 -4.12 0.54
C THR A 21 21.48 -5.13 -0.01
N CYS A 22 21.89 -5.93 -0.97
N CYS A 22 21.89 -5.93 -0.97
CA CYS A 22 21.01 -6.92 -1.61
CA CYS A 22 21.01 -6.92 -1.61
C CYS A 22 21.77 -8.23 -1.80
C CYS A 22 21.77 -8.23 -1.80
N ARG A 23 21.41 -9.25 -1.04
CA ARG A 23 22.09 -10.53 -1.11
C ARG A 23 21.19 -11.63 -1.66
N SER A 24 21.81 -12.68 -2.18
CA SER A 24 21.12 -13.81 -2.76
C SER A 24 21.42 -15.12 -2.06
N SER A 25 20.44 -15.99 -1.89
CA SER A 25 20.66 -17.32 -1.32
C SER A 25 21.47 -18.27 -2.21
N THR A 26 21.71 -17.93 -3.46
CA THR A 26 22.51 -18.78 -4.33
C THR A 26 24.00 -18.45 -4.36
N GLY A 27 24.36 -17.65 -3.37
CA GLY A 27 25.73 -17.20 -3.21
C GLY A 27 25.97 -15.78 -3.71
N THR A 28 27.24 -15.46 -3.87
CA THR A 28 27.65 -14.13 -4.34
C THR A 28 26.88 -13.59 -5.56
N VAL A 29 26.55 -12.31 -5.44
CA VAL A 29 25.97 -11.54 -6.53
C VAL A 29 27.15 -11.12 -7.43
N THR A 30 26.95 -11.31 -8.73
CA THR A 30 27.94 -10.87 -9.69
C THR A 30 27.34 -9.96 -10.73
N SER A 31 28.18 -9.63 -11.70
CA SER A 31 27.79 -8.71 -12.78
C SER A 31 26.71 -9.19 -13.67
N GLY A 32 26.77 -10.46 -13.98
CA GLY A 32 25.75 -11.11 -14.82
C GLY A 32 24.39 -11.14 -14.13
N ASN A 33 24.27 -10.75 -12.84
CA ASN A 33 22.97 -10.66 -12.18
C ASN A 33 22.32 -9.34 -12.41
N HIS A 34 23.07 -8.42 -13.06
CA HIS A 34 22.58 -7.11 -13.46
C HIS A 34 21.75 -6.36 -12.39
N ALA A 35 22.21 -6.31 -11.13
CA ALA A 35 21.40 -5.72 -10.06
C ALA A 35 20.73 -4.43 -10.40
N ASN A 36 19.41 -4.49 -10.26
CA ASN A 36 18.58 -3.35 -10.41
C ASN A 36 18.06 -2.82 -9.07
N TRP A 37 17.99 -1.49 -8.97
CA TRP A 37 17.41 -0.86 -7.80
C TRP A 37 16.30 0.08 -8.17
N VAL A 38 15.12 0.07 -7.52
CA VAL A 38 14.10 1.05 -7.87
C VAL A 38 13.45 1.63 -6.62
N GLN A 39 12.76 2.73 -6.79
CA GLN A 39 12.16 3.45 -5.68
C GLN A 39 10.65 3.58 -5.73
N GLU A 40 10.02 3.22 -4.63
CA GLU A 40 8.60 3.40 -4.44
C GLU A 40 8.31 4.57 -3.46
N LYS A 41 7.62 5.56 -3.97
CA LYS A 41 7.11 6.65 -3.16
C LYS A 41 5.62 6.54 -2.88
N PRO A 42 4.95 7.29 -1.95
CA PRO A 42 3.52 7.17 -1.68
C PRO A 42 2.69 7.30 -2.93
N ASP A 43 1.76 6.35 -3.00
CA ASP A 43 0.82 6.16 -4.10
C ASP A 43 1.26 5.50 -5.41
N HIS A 44 1.99 4.38 -5.23
CA HIS A 44 2.44 3.53 -6.34
C HIS A 44 3.21 4.30 -7.39
N LEU A 45 4.03 5.20 -6.89
CA LEU A 45 4.88 6.03 -7.73
C LEU A 45 6.28 5.41 -7.71
N PHE A 46 6.59 4.72 -8.82
CA PHE A 46 7.84 4.02 -8.99
C PHE A 46 8.75 4.72 -9.96
N THR A 47 10.02 4.71 -9.58
CA THR A 47 11.09 5.37 -10.32
C THR A 47 12.27 4.41 -10.46
N GLY A 48 12.72 4.07 -11.67
CA GLY A 48 13.94 3.27 -11.79
C GLY A 48 15.15 4.08 -11.35
N LEU A 49 16.08 3.53 -10.59
CA LEU A 49 17.25 4.23 -10.09
C LEU A 49 18.58 3.83 -10.69
N ILE A 50 18.82 2.51 -10.63
CA ILE A 50 20.06 1.86 -11.01
C ILE A 50 19.78 0.64 -11.87
N GLY A 51 20.45 0.56 -12.99
CA GLY A 51 20.34 -0.54 -13.90
C GLY A 51 21.68 -1.20 -14.05
N ASP A 52 21.66 -2.48 -14.50
CA ASP A 52 22.92 -3.20 -14.65
C ASP A 52 24.00 -2.99 -13.55
N THR A 53 23.75 -3.26 -12.28
CA THR A 53 24.65 -3.06 -11.14
C THR A 53 24.92 -1.58 -10.82
N ASN A 54 25.31 -0.68 -11.73
CA ASN A 54 25.70 0.67 -11.32
C ASN A 54 25.31 1.76 -12.29
N ASN A 55 24.48 1.52 -13.29
CA ASN A 55 24.14 2.65 -14.15
C ASN A 55 22.99 3.46 -13.62
N ARG A 56 23.17 4.76 -13.39
CA ARG A 56 22.05 5.63 -13.06
C ARG A 56 21.04 5.70 -14.20
N ALA A 57 19.76 5.46 -13.92
CA ALA A 57 18.72 5.68 -14.90
C ALA A 57 18.59 7.15 -15.28
N PRO A 58 17.94 7.54 -16.40
CA PRO A 58 17.76 8.94 -16.74
C PRO A 58 17.14 9.85 -15.69
N GLY A 59 17.92 10.87 -15.36
CA GLY A 59 17.48 11.92 -14.44
C GLY A 59 17.46 11.56 -12.96
N VAL A 60 18.25 10.53 -12.59
CA VAL A 60 18.44 10.19 -11.21
C VAL A 60 19.57 11.04 -10.65
N PRO A 61 19.46 11.76 -9.51
CA PRO A 61 20.51 12.57 -8.95
C PRO A 61 21.81 11.80 -8.77
N ALA A 62 22.99 12.40 -8.97
CA ALA A 62 24.24 11.71 -8.74
C ALA A 62 24.50 11.27 -7.32
N ARG A 63 23.73 11.66 -6.29
CA ARG A 63 24.00 11.08 -4.94
C ARG A 63 23.63 9.58 -4.83
N PHE A 64 22.89 9.10 -5.83
CA PHE A 64 22.54 7.69 -5.85
C PHE A 64 23.59 6.98 -6.67
N SER A 65 24.27 6.01 -6.08
CA SER A 65 25.15 5.15 -6.86
C SER A 65 25.01 3.68 -6.47
N GLY A 66 25.23 2.76 -7.42
CA GLY A 66 25.12 1.32 -7.18
C GLY A 66 26.47 0.66 -7.35
N SER A 67 26.79 -0.44 -6.64
CA SER A 67 28.06 -1.13 -6.74
C SER A 67 28.03 -2.54 -6.20
N LEU A 68 29.04 -3.36 -6.43
CA LEU A 68 29.09 -4.61 -5.70
C LEU A 68 29.96 -4.44 -4.48
N ILE A 69 29.60 -4.73 -3.23
CA ILE A 69 30.53 -4.57 -2.13
C ILE A 69 30.64 -5.99 -1.60
N GLY A 70 31.59 -6.67 -2.19
CA GLY A 70 31.86 -8.05 -1.82
C GLY A 70 30.98 -9.02 -2.59
N ASP A 71 30.30 -9.82 -1.82
CA ASP A 71 29.38 -10.79 -2.41
C ASP A 71 27.95 -10.22 -2.61
N LYS A 72 27.77 -8.90 -2.43
CA LYS A 72 26.47 -8.25 -2.41
C LYS A 72 26.34 -7.04 -3.31
N ALA A 73 25.11 -6.77 -3.76
CA ALA A 73 24.92 -5.52 -4.48
C ALA A 73 24.55 -4.42 -3.45
N ALA A 74 24.96 -3.20 -3.69
CA ALA A 74 24.62 -2.10 -2.77
C ALA A 74 24.29 -0.83 -3.50
N LEU A 75 23.37 -0.19 -2.84
CA LEU A 75 22.93 1.14 -3.20
C LEU A 75 23.41 2.09 -2.07
N THR A 76 24.18 3.07 -2.50
CA THR A 76 24.73 4.07 -1.57
C THR A 76 24.15 5.40 -1.96
N ILE A 77 23.55 6.04 -0.96
CA ILE A 77 23.07 7.39 -1.11
C ILE A 77 24.05 8.34 -0.37
N THR A 78 24.87 9.11 -1.09
CA THR A 78 25.84 10.04 -0.49
C THR A 78 25.22 11.41 -0.27
N GLY A 79 24.85 11.72 0.96
CA GLY A 79 24.19 13.01 1.20
C GLY A 79 22.68 12.96 0.98
N ALA A 80 22.07 12.07 1.76
CA ALA A 80 20.60 11.85 1.69
C ALA A 80 19.68 13.02 1.99
N GLN A 81 18.70 13.32 1.13
CA GLN A 81 17.72 14.41 1.30
C GLN A 81 16.39 13.99 1.92
N PRO A 82 15.48 14.78 2.53
CA PRO A 82 14.19 14.26 3.02
C PRO A 82 13.34 13.57 1.95
N GLU A 83 13.37 13.96 0.67
CA GLU A 83 12.60 13.33 -0.41
C GLU A 83 13.04 11.91 -0.80
N ASP A 84 14.08 11.39 -0.17
CA ASP A 84 14.59 10.04 -0.42
C ASP A 84 13.94 9.04 0.53
N GLU A 85 13.04 9.53 1.40
CA GLU A 85 12.28 8.69 2.30
C GLU A 85 11.34 7.89 1.40
N ALA A 86 11.51 6.57 1.33
CA ALA A 86 10.80 5.76 0.35
C ALA A 86 11.10 4.27 0.50
N ILE A 87 10.48 3.42 -0.30
CA ILE A 87 10.84 2.00 -0.26
C ILE A 87 11.69 1.68 -1.46
N TYR A 88 12.77 0.97 -1.22
CA TYR A 88 13.77 0.75 -2.23
C TYR A 88 13.77 -0.74 -2.43
N PHE A 89 13.51 -1.19 -3.66
CA PHE A 89 13.51 -2.63 -3.93
C PHE A 89 14.72 -3.03 -4.80
N CYS A 90 15.52 -4.04 -4.47
N CYS A 90 15.52 -4.04 -4.47
CA CYS A 90 16.48 -4.49 -5.48
CA CYS A 90 16.48 -4.49 -5.48
C CYS A 90 15.94 -5.74 -6.21
C CYS A 90 15.94 -5.74 -6.21
N ALA A 91 16.40 -6.01 -7.41
CA ALA A 91 16.02 -7.23 -8.13
C ALA A 91 17.32 -7.69 -8.82
N LEU A 92 17.41 -9.01 -9.05
CA LEU A 92 18.59 -9.66 -9.64
C LEU A 92 18.16 -10.51 -10.84
N TRP A 93 18.91 -10.60 -11.95
CA TRP A 93 18.53 -11.46 -13.07
C TRP A 93 19.18 -12.80 -12.83
N CYS A 94 18.33 -13.77 -12.54
CA CYS A 94 18.85 -15.07 -12.17
C CYS A 94 18.01 -16.18 -12.81
N ASN A 95 18.67 -17.09 -13.55
CA ASN A 95 18.05 -18.21 -14.26
C ASN A 95 16.85 -17.77 -15.09
N ASN A 96 17.15 -16.70 -15.80
CA ASN A 96 16.22 -16.03 -16.73
C ASN A 96 14.91 -15.46 -16.14
N HIS A 97 14.96 -15.19 -14.83
CA HIS A 97 13.93 -14.53 -14.04
C HIS A 97 14.47 -13.30 -13.29
N TRP A 98 13.71 -12.16 -13.27
CA TRP A 98 13.99 -11.09 -12.31
C TRP A 98 13.27 -11.50 -11.01
N ILE A 99 14.07 -11.56 -9.97
CA ILE A 99 13.69 -11.96 -8.64
C ILE A 99 13.87 -10.77 -7.72
N PHE A 100 12.84 -10.46 -6.96
CA PHE A 100 12.86 -9.27 -6.12
C PHE A 100 13.24 -9.42 -4.67
N GLY A 101 13.93 -8.45 -4.11
CA GLY A 101 14.14 -8.39 -2.67
C GLY A 101 12.84 -7.98 -2.02
N GLY A 102 12.72 -8.12 -0.70
CA GLY A 102 11.53 -7.67 0.03
C GLY A 102 11.38 -6.16 0.12
N GLY A 103 12.33 -5.35 -0.37
CA GLY A 103 12.13 -3.92 -0.25
C GLY A 103 12.67 -3.39 1.08
N THR A 104 13.37 -2.24 1.08
CA THR A 104 13.86 -1.68 2.34
C THR A 104 13.09 -0.40 2.63
N LYS A 105 12.51 -0.18 3.80
CA LYS A 105 11.92 1.13 4.07
C LYS A 105 12.98 2.12 4.55
N LEU A 106 13.28 3.15 3.80
CA LEU A 106 14.25 4.09 4.30
C LEU A 106 13.62 5.36 4.85
N THR A 107 13.89 5.67 6.09
CA THR A 107 13.42 6.89 6.71
C THR A 107 14.52 7.98 6.60
N VAL A 108 14.34 9.15 6.02
CA VAL A 108 15.42 10.17 6.11
C VAL A 108 14.83 11.25 7.00
N LEU A 109 15.25 11.33 8.23
CA LEU A 109 14.63 12.23 9.22
C LEU A 109 14.44 13.71 8.86
N GLY A 110 13.34 14.04 8.17
CA GLY A 110 13.03 15.42 7.75
C GLY A 110 12.41 16.33 8.82
N GLN A 111 12.06 15.75 9.96
CA GLN A 111 11.42 16.45 11.09
C GLN A 111 11.67 15.64 12.36
N PRO A 112 11.42 16.11 13.59
CA PRO A 112 11.58 15.35 14.82
C PRO A 112 10.77 14.06 14.89
N LYS A 113 11.26 13.04 15.58
CA LYS A 113 10.45 11.84 15.79
C LYS A 113 9.15 12.22 16.51
N SER A 114 8.06 11.55 16.18
CA SER A 114 6.75 11.79 16.74
C SER A 114 6.04 10.50 17.13
N SER A 115 5.70 10.43 18.42
CA SER A 115 5.02 9.27 19.03
C SER A 115 3.57 9.12 18.57
N PRO A 116 2.93 7.96 18.48
CA PRO A 116 1.58 7.92 17.93
C PRO A 116 0.46 8.44 18.82
N SER A 117 -0.48 9.19 18.27
CA SER A 117 -1.78 9.37 18.95
C SER A 117 -2.66 8.16 18.71
N VAL A 118 -2.93 7.44 19.78
CA VAL A 118 -3.78 6.23 19.70
C VAL A 118 -5.18 6.51 20.31
N THR A 119 -6.24 6.27 19.55
CA THR A 119 -7.60 6.33 20.07
C THR A 119 -8.26 4.99 19.84
N LEU A 120 -8.87 4.45 20.89
CA LEU A 120 -9.66 3.22 20.78
C LEU A 120 -11.14 3.55 21.04
N PHE A 121 -11.98 3.16 20.11
CA PHE A 121 -13.40 3.48 20.16
C PHE A 121 -14.19 2.19 20.44
N PRO A 122 -15.24 2.21 21.28
CA PRO A 122 -16.10 1.04 21.52
C PRO A 122 -16.99 0.77 20.34
N PRO A 123 -17.61 -0.42 20.12
CA PRO A 123 -18.64 -0.60 19.10
C PRO A 123 -19.80 0.33 19.36
N SER A 124 -20.44 0.90 18.37
CA SER A 124 -21.62 1.72 18.55
C SER A 124 -22.85 0.86 18.85
N SER A 125 -23.86 1.30 19.60
CA SER A 125 -25.06 0.48 19.89
C SER A 125 -25.84 0.03 18.66
N GLU A 126 -25.85 0.91 17.66
CA GLU A 126 -26.41 0.64 16.33
C GLU A 126 -25.78 -0.55 15.62
N GLU A 127 -24.48 -0.78 15.84
CA GLU A 127 -23.85 -1.93 15.23
C GLU A 127 -24.19 -3.20 16.02
N LEU A 128 -24.20 -3.08 17.37
CA LEU A 128 -24.49 -4.21 18.26
C LEU A 128 -25.85 -4.86 18.00
N GLU A 129 -26.75 -3.94 17.71
CA GLU A 129 -28.11 -4.20 17.23
C GLU A 129 -28.09 -5.10 16.00
N THR A 130 -27.08 -5.09 15.13
CA THR A 130 -27.01 -6.01 13.99
C THR A 130 -26.35 -7.36 14.36
N ASN A 131 -26.09 -7.60 15.64
CA ASN A 131 -25.42 -8.80 16.13
C ASN A 131 -23.89 -8.80 15.93
N LYS A 132 -23.31 -7.61 15.67
CA LYS A 132 -21.88 -7.49 15.45
C LYS A 132 -21.19 -6.46 16.32
N ALA A 133 -19.89 -6.62 16.48
CA ALA A 133 -19.12 -5.69 17.29
C ALA A 133 -17.75 -5.39 16.74
N THR A 134 -17.50 -4.16 16.29
CA THR A 134 -16.19 -3.84 15.75
C THR A 134 -15.52 -2.81 16.62
N LEU A 135 -14.32 -3.12 17.09
CA LEU A 135 -13.51 -2.14 17.79
C LEU A 135 -12.51 -1.54 16.82
N VAL A 136 -12.42 -0.21 16.98
CA VAL A 136 -11.56 0.57 16.10
C VAL A 136 -10.43 1.27 16.84
N CYS A 137 -9.19 0.96 16.45
CA CYS A 137 -8.03 1.63 16.99
C CYS A 137 -7.33 2.46 15.90
N THR A 138 -7.46 3.78 16.02
CA THR A 138 -6.84 4.72 15.05
C THR A 138 -5.54 5.22 15.63
N ILE A 139 -4.51 5.26 14.79
CA ILE A 139 -3.14 5.57 15.20
C ILE A 139 -2.62 6.63 14.24
N THR A 140 -2.38 7.82 14.75
CA THR A 140 -2.04 8.95 13.89
C THR A 140 -0.81 9.68 14.35
N ASP A 141 -0.25 10.48 13.49
CA ASP A 141 0.84 11.40 13.84
C ASP A 141 2.18 10.82 14.33
N PHE A 142 2.51 9.59 13.90
CA PHE A 142 3.77 9.00 14.29
C PHE A 142 4.80 9.12 13.19
N TYR A 143 6.05 9.21 13.62
CA TYR A 143 7.20 9.35 12.70
C TYR A 143 8.44 8.89 13.46
N PRO A 144 9.28 7.94 13.02
CA PRO A 144 9.24 7.30 11.68
C PRO A 144 7.98 6.49 11.38
N GLY A 145 7.60 6.26 10.13
CA GLY A 145 6.39 5.50 9.82
C GLY A 145 6.45 4.00 10.00
N VAL A 146 6.86 3.51 11.17
CA VAL A 146 6.93 2.07 11.40
C VAL A 146 6.28 1.73 12.73
N VAL A 147 5.22 0.94 12.69
CA VAL A 147 4.48 0.62 13.91
C VAL A 147 4.06 -0.83 14.10
N THR A 148 4.06 -1.43 15.28
CA THR A 148 3.43 -2.75 15.45
C THR A 148 2.23 -2.66 16.35
N VAL A 149 1.14 -3.24 15.88
CA VAL A 149 -0.12 -3.20 16.62
C VAL A 149 -0.46 -4.60 17.05
N ASP A 150 -0.76 -4.72 18.34
CA ASP A 150 -1.23 -5.92 19.06
C ASP A 150 -2.60 -5.77 19.74
N TRP A 151 -3.46 -6.78 19.70
CA TRP A 151 -4.71 -6.67 20.41
C TRP A 151 -4.81 -7.65 21.59
N LYS A 152 -5.27 -7.17 22.71
CA LYS A 152 -5.47 -7.99 23.93
C LYS A 152 -6.94 -8.01 24.36
N VAL A 153 -7.55 -9.18 24.62
CA VAL A 153 -8.90 -9.24 25.12
C VAL A 153 -8.79 -9.93 26.49
N ASP A 154 -9.14 -9.24 27.58
CA ASP A 154 -8.91 -9.70 28.96
C ASP A 154 -7.52 -10.21 29.27
N GLY A 155 -6.54 -9.54 28.68
CA GLY A 155 -5.17 -9.98 28.84
C GLY A 155 -4.72 -11.10 27.88
N THR A 156 -5.60 -11.85 27.21
CA THR A 156 -5.14 -12.88 26.27
C THR A 156 -4.75 -12.31 24.92
N PRO A 157 -3.64 -12.65 24.28
CA PRO A 157 -3.34 -12.16 22.94
C PRO A 157 -4.36 -12.58 21.88
N VAL A 158 -4.75 -11.64 21.02
CA VAL A 158 -5.68 -11.94 19.96
C VAL A 158 -4.90 -12.31 18.71
N THR A 159 -5.25 -13.46 18.17
CA THR A 159 -4.56 -14.06 17.01
C THR A 159 -5.37 -14.22 15.74
N GLN A 160 -6.66 -13.86 15.80
CA GLN A 160 -7.57 -14.02 14.66
C GLN A 160 -8.64 -12.95 14.76
N GLY A 161 -9.19 -12.46 13.66
CA GLY A 161 -10.29 -11.50 13.78
C GLY A 161 -9.90 -10.03 13.71
N MET A 162 -8.60 -9.75 13.64
CA MET A 162 -8.21 -8.38 13.40
C MET A 162 -7.57 -8.12 12.05
N GLU A 163 -7.79 -6.87 11.63
CA GLU A 163 -7.26 -6.27 10.42
C GLU A 163 -6.43 -4.98 10.63
N THR A 164 -5.18 -4.79 10.20
CA THR A 164 -4.45 -3.50 10.35
C THR A 164 -3.99 -2.87 9.01
N THR A 165 -4.29 -1.64 8.67
CA THR A 165 -3.85 -1.06 7.42
C THR A 165 -2.34 -0.83 7.44
N GLN A 166 -1.71 -0.90 6.27
CA GLN A 166 -0.28 -0.60 6.14
C GLN A 166 -0.14 0.87 6.52
N PRO A 167 0.89 1.39 7.20
CA PRO A 167 1.08 2.82 7.43
C PRO A 167 0.96 3.68 6.19
N SER A 168 0.24 4.75 6.33
CA SER A 168 -0.05 5.68 5.25
C SER A 168 0.48 7.07 5.57
N LYS A 169 0.95 7.83 4.62
CA LYS A 169 1.56 9.14 4.85
C LYS A 169 0.55 10.28 4.97
N GLN A 170 0.64 11.06 6.03
CA GLN A 170 -0.25 12.20 6.18
C GLN A 170 0.24 13.41 5.40
N SER A 171 -0.58 14.44 5.24
CA SER A 171 -0.12 15.63 4.50
C SER A 171 0.96 16.44 5.18
N ASN A 172 1.10 16.27 6.50
CA ASN A 172 2.19 16.92 7.22
C ASN A 172 3.40 15.97 7.27
N ASN A 173 3.41 14.92 6.45
CA ASN A 173 4.44 13.89 6.41
C ASN A 173 4.69 12.99 7.61
N LYS A 174 3.79 13.04 8.61
CA LYS A 174 3.78 12.04 9.66
C LYS A 174 2.97 10.85 9.14
N TYR A 175 2.77 9.75 9.83
CA TYR A 175 2.08 8.59 9.23
C TYR A 175 0.84 8.19 10.02
N MET A 176 -0.10 7.46 9.45
CA MET A 176 -1.28 7.06 10.19
C MET A 176 -1.58 5.62 9.79
N ALA A 177 -2.29 4.92 10.66
CA ALA A 177 -2.81 3.57 10.40
C ALA A 177 -3.99 3.20 11.29
N SER A 178 -4.88 2.30 10.82
CA SER A 178 -5.98 1.88 11.69
C SER A 178 -6.00 0.38 11.87
N SER A 179 -6.61 -0.08 12.96
CA SER A 179 -6.66 -1.51 13.22
C SER A 179 -8.04 -1.80 13.71
N TYR A 180 -8.54 -2.98 13.37
CA TYR A 180 -9.91 -3.35 13.68
C TYR A 180 -10.02 -4.66 14.45
N LEU A 181 -10.85 -4.82 15.46
CA LEU A 181 -11.08 -6.15 16.06
C LEU A 181 -12.57 -6.41 15.85
N THR A 182 -12.93 -7.36 14.98
CA THR A 182 -14.36 -7.61 14.80
C THR A 182 -14.81 -8.84 15.57
N LEU A 183 -15.80 -8.73 16.43
CA LEU A 183 -16.36 -9.83 17.19
C LEU A 183 -17.87 -9.89 16.97
N THR A 184 -18.50 -11.00 17.31
CA THR A 184 -19.97 -11.09 17.28
C THR A 184 -20.48 -10.44 18.57
N ALA A 185 -21.64 -9.78 18.71
CA ALA A 185 -22.02 -9.22 20.04
C ALA A 185 -21.98 -10.21 21.21
N ARG A 186 -22.09 -11.52 20.94
CA ARG A 186 -21.98 -12.55 21.97
C ARG A 186 -20.53 -12.72 22.44
N ALA A 187 -19.51 -12.74 21.57
CA ALA A 187 -18.14 -12.79 22.06
C ALA A 187 -17.82 -11.47 22.75
N TRP A 188 -18.33 -10.35 22.24
CA TRP A 188 -18.16 -9.05 22.88
C TRP A 188 -18.62 -9.01 24.34
N GLU A 189 -19.80 -9.60 24.59
CA GLU A 189 -20.37 -9.65 25.95
C GLU A 189 -19.74 -10.66 26.91
N ARG A 190 -18.90 -11.55 26.39
CA ARG A 190 -18.17 -12.51 27.22
C ARG A 190 -16.85 -12.03 27.84
N HIS A 191 -16.45 -10.78 27.59
CA HIS A 191 -15.18 -10.30 28.10
C HIS A 191 -15.27 -8.86 28.60
N SER A 192 -14.57 -8.53 29.68
CA SER A 192 -14.64 -7.17 30.23
C SER A 192 -13.70 -6.11 29.68
N SER A 193 -12.45 -6.47 29.49
CA SER A 193 -11.42 -5.52 29.12
C SER A 193 -10.82 -5.72 27.74
N TYR A 194 -10.74 -4.68 26.91
CA TYR A 194 -10.08 -4.76 25.62
C TYR A 194 -8.98 -3.72 25.40
N SER A 195 -7.85 -4.16 24.85
CA SER A 195 -6.70 -3.32 24.62
C SER A 195 -6.13 -3.36 23.22
N CYS A 196 -5.76 -2.15 22.81
CA CYS A 196 -5.05 -1.88 21.58
C CYS A 196 -3.65 -1.42 21.97
N GLN A 197 -2.66 -2.20 21.65
CA GLN A 197 -1.28 -1.88 22.00
C GLN A 197 -0.39 -1.55 20.79
N VAL A 198 0.08 -0.33 20.74
CA VAL A 198 0.89 0.12 19.62
C VAL A 198 2.35 0.33 20.01
N THR A 199 3.28 -0.38 19.39
CA THR A 199 4.69 -0.16 19.72
C THR A 199 5.37 0.63 18.61
N HIS A 200 5.99 1.76 19.01
CA HIS A 200 6.70 2.65 18.10
C HIS A 200 8.08 2.98 18.71
N GLU A 201 9.14 2.65 17.97
CA GLU A 201 10.54 2.90 18.39
C GLU A 201 10.86 2.39 19.79
N GLY A 202 10.63 1.08 19.95
CA GLY A 202 10.79 0.42 21.24
C GLY A 202 9.76 0.74 22.34
N HIS A 203 9.11 1.89 22.32
CA HIS A 203 8.10 2.19 23.33
C HIS A 203 6.63 1.79 23.03
N THR A 204 5.94 1.18 23.99
CA THR A 204 4.52 0.90 23.79
C THR A 204 3.54 1.93 24.32
N VAL A 205 2.61 2.32 23.46
CA VAL A 205 1.42 3.08 23.83
C VAL A 205 0.27 2.05 23.95
N GLU A 206 -0.44 1.96 25.07
CA GLU A 206 -1.59 1.07 25.18
C GLU A 206 -2.89 1.82 25.45
N LYS A 207 -3.95 1.56 24.70
CA LYS A 207 -5.25 2.13 25.00
C LYS A 207 -6.21 0.98 25.31
N SER A 208 -6.92 1.04 26.43
CA SER A 208 -7.86 -0.01 26.89
C SER A 208 -9.26 0.47 27.25
N LEU A 209 -10.27 -0.36 27.06
CA LEU A 209 -11.58 -0.03 27.57
C LEU A 209 -12.27 -1.24 28.15
N SER A 210 -13.27 -0.97 28.96
CA SER A 210 -14.07 -2.03 29.53
C SER A 210 -15.54 -1.92 29.15
N ARG A 211 -16.12 -3.08 28.88
CA ARG A 211 -17.53 -3.21 28.59
C ARG A 211 -18.35 -2.86 29.83
N GLU B 1 7.87 13.78 -23.08
CA GLU B 1 9.12 13.04 -22.80
C GLU B 1 8.81 11.53 -22.71
N VAL B 2 9.58 10.58 -22.13
CA VAL B 2 9.08 9.22 -22.02
C VAL B 2 7.91 9.08 -21.03
N GLN B 3 6.91 8.41 -21.55
CA GLN B 3 5.68 8.09 -20.85
C GLN B 3 5.22 6.70 -21.25
N VAL B 4 4.84 5.96 -20.22
CA VAL B 4 4.28 4.62 -20.32
C VAL B 4 2.85 4.79 -19.79
N GLN B 5 1.88 4.71 -20.69
CA GLN B 5 0.50 4.92 -20.29
C GLN B 5 -0.32 3.64 -20.11
N GLN B 6 -0.89 3.45 -18.94
CA GLN B 6 -1.66 2.27 -18.64
C GLN B 6 -3.16 2.43 -18.66
N SER B 7 -3.78 1.32 -19.01
CA SER B 7 -5.24 1.21 -18.90
C SER B 7 -5.75 1.29 -17.43
N GLY B 8 -7.04 1.41 -17.18
CA GLY B 8 -7.56 1.67 -15.84
C GLY B 8 -7.91 0.47 -15.00
N THR B 9 -8.67 0.79 -13.96
CA THR B 9 -9.16 -0.19 -13.01
C THR B 9 -10.09 -1.27 -13.55
N VAL B 10 -9.85 -2.51 -13.15
CA VAL B 10 -10.67 -3.59 -13.65
C VAL B 10 -11.23 -4.33 -12.48
N LEU B 11 -12.45 -4.74 -12.72
CA LEU B 11 -13.21 -5.54 -11.79
C LEU B 11 -13.58 -6.87 -12.50
N ALA B 12 -13.30 -8.00 -11.91
CA ALA B 12 -13.59 -9.25 -12.57
C ALA B 12 -13.99 -10.39 -11.63
N ARG B 13 -14.75 -11.31 -12.17
CA ARG B 13 -15.21 -12.48 -11.46
C ARG B 13 -14.20 -13.60 -11.53
N PRO B 14 -14.18 -14.49 -10.55
CA PRO B 14 -13.48 -15.77 -10.64
C PRO B 14 -13.72 -16.54 -11.93
N GLY B 15 -12.67 -17.16 -12.51
CA GLY B 15 -12.76 -17.95 -13.72
C GLY B 15 -12.62 -17.16 -15.02
N ALA B 16 -12.99 -15.89 -14.96
CA ALA B 16 -12.89 -15.02 -16.10
C ALA B 16 -11.47 -14.69 -16.56
N SER B 17 -11.36 -13.91 -17.61
CA SER B 17 -10.06 -13.50 -18.11
C SER B 17 -10.08 -12.00 -18.39
N VAL B 18 -8.97 -11.29 -18.41
CA VAL B 18 -8.96 -9.85 -18.69
C VAL B 18 -7.74 -9.51 -19.51
N LYS B 19 -7.91 -8.52 -20.35
CA LYS B 19 -6.80 -7.99 -21.10
C LYS B 19 -6.48 -6.57 -20.58
N MET B 20 -5.23 -6.28 -20.22
CA MET B 20 -4.74 -4.97 -19.82
C MET B 20 -3.76 -4.46 -20.90
N SER B 21 -3.71 -3.15 -21.08
CA SER B 21 -2.94 -2.53 -22.14
C SER B 21 -1.98 -1.48 -21.60
N CYS B 22 -0.92 -1.25 -22.36
N CYS B 22 -0.92 -1.25 -22.36
CA CYS B 22 0.12 -0.30 -21.98
CA CYS B 22 0.12 -0.30 -21.98
C CYS B 22 0.69 0.37 -23.23
C CYS B 22 0.69 0.37 -23.23
N LYS B 23 0.49 1.66 -23.40
CA LYS B 23 1.00 2.37 -24.57
C LYS B 23 2.31 3.14 -24.36
N ALA B 24 3.26 2.96 -25.26
CA ALA B 24 4.55 3.64 -25.21
C ALA B 24 4.63 5.02 -25.85
N SER B 25 5.15 6.03 -25.18
CA SER B 25 5.34 7.33 -25.83
C SER B 25 6.62 8.05 -25.43
N GLY B 26 7.32 8.53 -26.47
CA GLY B 26 8.55 9.29 -26.29
C GLY B 26 9.82 8.52 -26.57
N TYR B 27 9.66 7.37 -27.24
CA TYR B 27 10.75 6.46 -27.59
C TYR B 27 10.34 5.45 -28.67
N THR B 28 11.33 4.80 -29.29
CA THR B 28 11.07 3.78 -30.31
C THR B 28 10.89 2.38 -29.68
N PHE B 29 9.59 2.10 -29.58
CA PHE B 29 9.01 0.87 -29.03
C PHE B 29 9.76 -0.41 -29.35
N THR B 30 10.13 -0.51 -30.61
CA THR B 30 10.77 -1.70 -31.14
C THR B 30 12.18 -1.95 -30.65
N ASN B 31 12.87 -1.00 -30.02
CA ASN B 31 14.20 -1.25 -29.44
C ASN B 31 14.23 -1.59 -27.93
N TYR B 32 13.07 -1.47 -27.25
CA TYR B 32 12.96 -1.73 -25.82
C TYR B 32 12.07 -2.89 -25.35
N TRP B 33 12.38 -3.48 -24.20
CA TRP B 33 11.51 -4.53 -23.67
C TRP B 33 10.37 -3.89 -22.86
N MET B 34 9.17 -4.42 -23.00
CA MET B 34 8.10 -4.01 -22.11
C MET B 34 7.98 -5.14 -21.08
N HIS B 35 8.23 -4.87 -19.81
CA HIS B 35 8.05 -5.87 -18.76
C HIS B 35 6.74 -5.67 -18.00
N TRP B 36 6.25 -6.70 -17.34
CA TRP B 36 5.04 -6.60 -16.51
C TRP B 36 5.33 -7.11 -15.14
N ILE B 37 4.82 -6.31 -14.18
CA ILE B 37 5.11 -6.46 -12.75
C ILE B 37 3.87 -6.53 -11.91
N LYS B 38 3.76 -7.54 -11.08
CA LYS B 38 2.62 -7.67 -10.15
C LYS B 38 2.92 -7.15 -8.75
N GLN B 39 2.16 -6.19 -8.21
CA GLN B 39 2.23 -5.87 -6.77
C GLN B 39 1.00 -6.21 -5.90
N ARG B 40 1.19 -7.12 -4.97
CA ARG B 40 0.19 -7.53 -4.03
C ARG B 40 0.76 -7.18 -2.66
N PRO B 41 0.12 -6.47 -1.73
CA PRO B 41 0.70 -6.13 -0.40
C PRO B 41 1.40 -7.22 0.44
N GLY B 42 2.65 -7.17 0.52
N GLY B 44 4.34 -7.38 -1.63
CA GLY B 44 5.55 -7.85 -2.30
C GLY B 44 5.58 -7.63 -3.87
N LEU B 45 6.70 -7.60 -4.62
CA LEU B 45 6.68 -7.50 -6.10
C LEU B 45 7.08 -8.80 -6.82
N GLU B 46 6.50 -9.05 -7.98
CA GLU B 46 6.80 -10.27 -8.74
C GLU B 46 6.89 -9.97 -10.20
N TRP B 47 7.89 -10.47 -10.85
CA TRP B 47 8.01 -10.25 -12.30
C TRP B 47 7.10 -11.26 -13.09
N ILE B 48 6.20 -10.81 -13.97
CA ILE B 48 5.39 -11.74 -14.79
C ILE B 48 6.15 -12.23 -16.03
N GLY B 49 6.69 -11.25 -16.75
CA GLY B 49 7.48 -11.50 -17.93
C GLY B 49 7.71 -10.27 -18.76
N ALA B 50 8.27 -10.49 -19.94
CA ALA B 50 8.66 -9.38 -20.79
C ALA B 50 8.54 -9.69 -22.23
N ILE B 51 8.13 -8.70 -22.99
CA ILE B 51 8.09 -8.79 -24.44
C ILE B 51 9.01 -7.82 -25.21
N TYR B 52 9.71 -8.29 -26.24
CA TYR B 52 10.51 -7.46 -27.14
C TYR B 52 9.77 -7.16 -28.43
N PRO B 53 9.07 -6.04 -28.58
CA PRO B 53 8.20 -5.76 -29.72
C PRO B 53 8.85 -5.79 -31.11
N GLY B 54 10.13 -5.50 -31.29
CA GLY B 54 10.74 -5.53 -32.63
C GLY B 54 10.78 -6.92 -33.26
N ASN B 55 10.92 -7.96 -32.45
CA ASN B 55 10.84 -9.32 -32.99
C ASN B 55 9.89 -10.26 -32.25
N SER B 56 9.00 -9.67 -31.42
CA SER B 56 8.04 -10.39 -30.56
C SER B 56 8.52 -11.54 -29.70
N ALA B 57 9.80 -11.52 -29.30
CA ALA B 57 10.32 -12.46 -28.30
C ALA B 57 9.75 -12.19 -26.91
N THR B 58 9.60 -13.21 -26.09
CA THR B 58 9.07 -13.05 -24.76
C THR B 58 9.84 -13.89 -23.76
N PHE B 59 9.82 -13.48 -22.52
CA PHE B 59 10.38 -14.25 -21.43
C PHE B 59 9.26 -14.33 -20.42
N TYR B 60 9.06 -15.49 -19.82
CA TYR B 60 8.06 -15.58 -18.78
C TYR B 60 8.67 -16.10 -17.50
N ASN B 61 8.01 -15.74 -16.41
CA ASN B 61 8.30 -16.34 -15.13
C ASN B 61 7.61 -17.72 -15.18
N HIS B 62 8.24 -18.81 -14.76
CA HIS B 62 7.56 -20.13 -14.85
C HIS B 62 6.21 -20.24 -14.16
N LYS B 63 6.09 -19.49 -13.09
CA LYS B 63 4.94 -19.48 -12.22
C LYS B 63 3.72 -18.87 -12.89
N PHE B 64 3.98 -17.99 -13.84
CA PHE B 64 2.95 -17.25 -14.58
C PHE B 64 2.72 -17.78 -16.00
N ARG B 65 3.53 -18.72 -16.49
CA ARG B 65 3.31 -19.34 -17.81
C ARG B 65 1.91 -19.86 -18.13
N ALA B 66 1.24 -20.43 -17.15
CA ALA B 66 -0.14 -20.92 -17.34
C ALA B 66 -1.21 -19.86 -17.30
N LYS B 67 -0.81 -18.70 -16.80
CA LYS B 67 -1.71 -17.60 -16.46
C LYS B 67 -1.73 -16.40 -17.41
N THR B 68 -0.55 -16.05 -17.91
CA THR B 68 -0.40 -14.84 -18.73
C THR B 68 0.01 -15.04 -20.16
N LYS B 69 -0.49 -14.14 -20.97
CA LYS B 69 -0.17 -14.08 -22.35
C LYS B 69 0.18 -12.65 -22.70
N LEU B 70 1.39 -12.44 -23.24
CA LEU B 70 1.89 -11.11 -23.56
C LEU B 70 1.97 -10.94 -25.06
N THR B 71 1.51 -9.79 -25.52
CA THR B 71 1.50 -9.47 -26.96
C THR B 71 1.84 -8.00 -27.12
N ALA B 72 2.11 -7.57 -28.32
CA ALA B 72 2.44 -6.18 -28.63
C ALA B 72 2.10 -5.92 -30.08
N VAL B 73 1.56 -4.77 -30.30
CA VAL B 73 1.26 -4.30 -31.63
C VAL B 73 2.16 -3.13 -32.03
N THR B 74 3.19 -3.38 -32.85
CA THR B 74 4.06 -2.35 -33.41
C THR B 74 3.33 -1.85 -34.65
N SER B 75 2.55 -0.84 -34.32
CA SER B 75 1.67 -0.18 -35.26
C SER B 75 0.85 0.72 -34.41
N THR B 76 0.38 0.21 -33.27
CA THR B 76 -0.37 1.06 -32.37
C THR B 76 0.38 1.43 -31.08
N ILE B 77 1.65 1.00 -31.02
CA ILE B 77 2.61 1.09 -29.90
C ILE B 77 2.08 0.79 -28.50
N THR B 78 1.34 -0.31 -28.53
CA THR B 78 0.69 -0.84 -27.35
C THR B 78 1.13 -2.26 -27.04
N ALA B 79 1.50 -2.49 -25.77
CA ALA B 79 1.71 -3.85 -25.34
C ALA B 79 0.48 -4.26 -24.52
N TYR B 80 0.23 -5.56 -24.52
CA TYR B 80 -0.90 -6.20 -23.84
C TYR B 80 -0.57 -7.37 -22.97
N MET B 81 -1.36 -7.53 -21.93
CA MET B 81 -1.24 -8.71 -21.10
C MET B 81 -2.62 -9.32 -20.91
N GLU B 82 -2.77 -10.58 -21.28
CA GLU B 82 -3.96 -11.34 -20.94
C GLU B 82 -3.76 -12.26 -19.75
N LEU B 83 -4.61 -12.07 -18.76
CA LEU B 83 -4.63 -12.95 -17.61
C LEU B 83 -5.89 -13.79 -17.71
N SER B 84 -5.74 -15.09 -17.55
CA SER B 84 -6.91 -15.94 -17.67
C SER B 84 -7.19 -16.77 -16.43
N SER B 85 -8.37 -17.38 -16.32
CA SER B 85 -8.76 -18.11 -15.13
C SER B 85 -8.55 -17.45 -13.79
N LEU B 86 -9.02 -16.22 -13.77
CA LEU B 86 -8.80 -15.40 -12.57
C LEU B 86 -9.20 -15.97 -11.21
N THR B 87 -8.34 -15.84 -10.20
CA THR B 87 -8.68 -16.21 -8.83
C THR B 87 -8.50 -15.00 -7.91
N ASN B 88 -8.91 -14.96 -6.65
CA ASN B 88 -8.62 -13.82 -5.77
C ASN B 88 -7.13 -13.49 -5.61
N GLU B 89 -6.27 -14.51 -5.65
CA GLU B 89 -4.83 -14.30 -5.68
C GLU B 89 -4.27 -13.47 -6.83
N ASP B 90 -5.04 -13.23 -7.87
CA ASP B 90 -4.59 -12.34 -8.92
C ASP B 90 -4.93 -10.87 -8.66
N SER B 91 -5.79 -10.57 -7.70
CA SER B 91 -6.06 -9.19 -7.27
C SER B 91 -4.73 -8.58 -6.79
N ALA B 92 -4.41 -7.46 -7.42
CA ALA B 92 -3.10 -6.84 -7.25
C ALA B 92 -3.09 -5.64 -8.13
N VAL B 93 -2.07 -4.81 -7.92
CA VAL B 93 -1.84 -3.74 -8.88
C VAL B 93 -0.79 -4.23 -9.85
N TYR B 94 -1.01 -4.02 -11.16
CA TYR B 94 -0.09 -4.43 -12.21
C TYR B 94 0.56 -3.25 -12.91
N TYR B 95 1.88 -3.26 -13.04
CA TYR B 95 2.66 -2.24 -13.77
C TYR B 95 3.34 -2.71 -15.05
N CYS B 96 3.35 -1.92 -16.12
N CYS B 96 3.35 -1.92 -16.12
CA CYS B 96 4.24 -2.23 -17.22
CA CYS B 96 4.24 -2.23 -17.22
C CYS B 96 5.46 -1.29 -17.17
C CYS B 96 5.46 -1.29 -17.17
N THR B 97 6.64 -1.80 -17.44
CA THR B 97 7.86 -1.01 -17.34
C THR B 97 8.72 -1.11 -18.59
N ARG B 98 9.51 -0.07 -18.88
CA ARG B 98 10.36 -0.06 -20.05
C ARG B 98 11.71 -0.66 -19.71
N GLY B 99 12.27 -1.65 -20.43
CA GLY B 99 13.52 -2.25 -20.06
C GLY B 99 14.51 -2.30 -21.20
N GLY B 100 15.81 -2.45 -20.94
CA GLY B 100 16.82 -2.54 -22.01
C GLY B 100 17.91 -3.50 -21.60
N HIS B 101 19.19 -3.29 -21.93
CA HIS B 101 20.24 -4.24 -21.53
C HIS B 101 20.54 -4.14 -20.03
N GLY B 102 20.61 -5.24 -19.29
CA GLY B 102 20.80 -5.23 -17.86
C GLY B 102 19.71 -4.58 -17.03
N TYR B 103 18.63 -4.02 -17.53
CA TYR B 103 17.54 -3.58 -16.62
C TYR B 103 16.14 -3.89 -17.06
N TYR B 104 15.16 -3.91 -16.17
CA TYR B 104 13.77 -4.12 -16.58
C TYR B 104 12.87 -2.86 -16.49
N GLY B 105 13.30 -1.80 -15.81
CA GLY B 105 12.37 -0.71 -15.59
C GLY B 105 12.93 0.64 -15.17
N ASP B 106 13.33 1.44 -16.17
CA ASP B 106 13.79 2.79 -15.86
C ASP B 106 12.57 3.67 -15.73
N TYR B 107 11.66 3.69 -16.70
CA TYR B 107 10.34 4.30 -16.62
C TYR B 107 9.20 3.28 -16.40
N TRP B 108 8.37 3.59 -15.40
CA TRP B 108 7.23 2.80 -15.03
C TRP B 108 5.86 3.39 -15.32
N GLY B 109 4.93 2.51 -15.77
CA GLY B 109 3.56 2.96 -15.86
C GLY B 109 2.97 3.28 -14.49
N GLN B 110 1.76 3.81 -14.43
CA GLN B 110 1.17 4.18 -13.12
C GLN B 110 0.49 3.07 -12.33
N GLY B 111 0.37 1.94 -13.00
CA GLY B 111 -0.21 0.72 -12.43
C GLY B 111 -1.69 0.62 -12.68
N ALA B 112 -2.21 -0.54 -13.07
CA ALA B 112 -3.66 -0.71 -13.24
C ALA B 112 -4.09 -1.65 -12.13
N SER B 113 -5.12 -1.28 -11.44
CA SER B 113 -5.58 -2.10 -10.32
C SER B 113 -6.55 -3.19 -10.77
N LEU B 114 -6.35 -4.43 -10.38
CA LEU B 114 -7.32 -5.48 -10.68
C LEU B 114 -7.90 -6.10 -9.44
N THR B 115 -9.21 -6.21 -9.35
CA THR B 115 -9.86 -6.88 -8.24
C THR B 115 -10.70 -8.04 -8.74
N VAL B 116 -10.45 -9.18 -8.12
CA VAL B 116 -11.14 -10.42 -8.43
C VAL B 116 -11.93 -10.81 -7.23
N SER B 117 -13.23 -10.79 -7.49
CA SER B 117 -14.21 -10.96 -6.48
C SER B 117 -15.53 -11.42 -7.07
N SER B 118 -16.26 -12.23 -6.35
CA SER B 118 -17.60 -12.60 -6.76
C SER B 118 -18.64 -11.84 -5.98
N ALA B 119 -18.19 -10.88 -5.17
CA ALA B 119 -19.15 -10.10 -4.37
C ALA B 119 -20.00 -9.16 -5.22
N LYS B 120 -21.22 -8.83 -4.81
CA LYS B 120 -22.04 -7.95 -5.62
C LYS B 120 -21.95 -6.49 -5.17
N THR B 121 -22.49 -5.51 -5.89
CA THR B 121 -22.48 -4.14 -5.38
C THR B 121 -23.30 -3.95 -4.12
N THR B 122 -22.63 -3.70 -2.99
CA THR B 122 -23.29 -3.52 -1.70
C THR B 122 -23.14 -2.10 -1.13
N PRO B 123 -24.16 -1.39 -0.63
CA PRO B 123 -23.97 -0.14 0.09
C PRO B 123 -23.32 -0.33 1.46
N PRO B 124 -22.46 0.58 1.90
CA PRO B 124 -22.02 0.72 3.28
C PRO B 124 -23.10 0.93 4.34
N SER B 125 -22.82 0.35 5.48
CA SER B 125 -23.52 0.65 6.72
C SER B 125 -22.62 1.65 7.44
N VAL B 126 -23.11 2.84 7.76
CA VAL B 126 -22.28 3.81 8.47
C VAL B 126 -22.57 3.90 9.96
N TYR B 127 -21.52 3.78 10.76
CA TYR B 127 -21.74 3.94 12.20
C TYR B 127 -20.94 5.10 12.76
N PRO B 128 -21.52 5.93 13.63
CA PRO B 128 -20.82 6.94 14.41
C PRO B 128 -19.92 6.38 15.50
N LEU B 129 -18.72 6.95 15.73
CA LEU B 129 -17.80 6.58 16.79
C LEU B 129 -17.55 7.78 17.73
N ALA B 130 -18.36 7.80 18.78
CA ALA B 130 -18.28 8.77 19.87
C ALA B 130 -17.30 8.26 20.90
N PRO B 131 -16.61 9.08 21.69
CA PRO B 131 -15.87 8.60 22.85
C PRO B 131 -16.87 8.09 23.89
N GLY B 132 -17.68 9.10 24.13
CA GLY B 132 -18.81 9.22 25.05
C GLY B 132 -19.46 10.58 24.73
N SER B 133 -19.32 11.09 23.61
N SER B 139 -9.29 18.23 26.50
CA SER B 139 -8.67 19.28 25.65
C SER B 139 -9.11 19.28 24.15
N MET B 140 -8.76 18.25 23.38
CA MET B 140 -9.38 18.05 22.08
C MET B 140 -10.12 16.70 22.06
N VAL B 141 -11.19 16.53 21.33
CA VAL B 141 -11.86 15.25 21.29
C VAL B 141 -11.77 14.59 19.91
N THR B 142 -11.57 13.29 19.85
CA THR B 142 -11.55 12.63 18.55
C THR B 142 -12.84 11.85 18.31
N LEU B 143 -13.49 12.21 17.22
CA LEU B 143 -14.70 11.56 16.75
C LEU B 143 -14.41 10.72 15.52
N GLY B 144 -15.15 9.66 15.25
CA GLY B 144 -14.94 8.87 14.05
C GLY B 144 -16.21 8.38 13.38
N CYS B 145 -16.06 7.88 12.16
N CYS B 145 -16.06 7.88 12.16
CA CYS B 145 -17.15 7.19 11.45
CA CYS B 145 -17.15 7.19 11.45
C CYS B 145 -16.61 5.89 10.87
C CYS B 145 -16.61 5.89 10.87
N LEU B 146 -17.37 4.81 10.99
CA LEU B 146 -17.02 3.52 10.45
C LEU B 146 -17.87 3.18 9.21
N VAL B 147 -17.26 3.01 8.05
CA VAL B 147 -17.96 2.71 6.80
C VAL B 147 -17.68 1.24 6.52
N LYS B 148 -18.69 0.48 6.89
CA LYS B 148 -18.60 -0.96 6.89
C LYS B 148 -19.41 -1.68 5.83
N GLY B 149 -18.76 -2.65 5.20
CA GLY B 149 -19.44 -3.61 4.29
C GLY B 149 -19.88 -3.12 2.95
N TYR B 150 -18.99 -2.49 2.19
CA TYR B 150 -19.42 -1.99 0.88
C TYR B 150 -18.61 -2.63 -0.23
N PHE B 151 -19.16 -2.65 -1.41
CA PHE B 151 -18.45 -3.16 -2.60
C PHE B 151 -19.11 -2.51 -3.83
N PRO B 152 -18.38 -2.05 -4.84
CA PRO B 152 -16.94 -1.90 -4.83
C PRO B 152 -16.33 -0.59 -4.29
N GLU B 153 -15.02 -0.45 -4.41
CA GLU B 153 -14.30 0.78 -4.08
C GLU B 153 -14.59 1.89 -5.10
N PRO B 154 -14.71 3.19 -4.84
CA PRO B 154 -14.49 3.82 -3.57
C PRO B 154 -15.69 4.39 -2.88
N VAL B 155 -15.43 4.80 -1.65
CA VAL B 155 -16.39 5.64 -0.91
C VAL B 155 -15.67 6.96 -0.71
N THR B 156 -16.34 8.10 -0.69
CA THR B 156 -15.68 9.34 -0.27
C THR B 156 -16.26 9.75 1.09
N VAL B 157 -15.49 10.38 1.96
CA VAL B 157 -15.99 10.80 3.26
C VAL B 157 -15.67 12.29 3.48
N THR B 158 -16.65 13.16 3.66
CA THR B 158 -16.37 14.52 4.13
C THR B 158 -16.94 14.70 5.52
N TRP B 159 -16.53 15.74 6.19
CA TRP B 159 -17.01 16.03 7.54
C TRP B 159 -17.64 17.42 7.55
N ASN B 160 -18.89 17.46 8.00
CA ASN B 160 -19.70 18.67 7.92
C ASN B 160 -19.74 19.30 6.54
N SER B 161 -20.08 18.43 5.59
CA SER B 161 -20.19 18.76 4.16
C SER B 161 -18.94 19.38 3.53
N GLY B 162 -17.79 19.04 4.13
CA GLY B 162 -16.53 19.59 3.67
C GLY B 162 -16.03 20.74 4.54
N SER B 163 -16.89 21.38 5.34
CA SER B 163 -16.47 22.44 6.26
C SER B 163 -15.35 22.03 7.21
N LEU B 164 -15.39 20.81 7.74
CA LEU B 164 -14.32 20.37 8.61
C LEU B 164 -13.27 19.58 7.81
N SER B 165 -12.25 20.32 7.48
CA SER B 165 -11.12 19.82 6.69
C SER B 165 -9.87 19.53 7.49
N SER B 166 -9.65 20.39 8.49
CA SER B 166 -8.50 20.30 9.37
C SER B 166 -8.64 19.18 10.38
N GLY B 167 -7.58 18.41 10.59
CA GLY B 167 -7.58 17.35 11.60
C GLY B 167 -8.30 16.07 11.21
N VAL B 168 -8.64 15.94 9.93
CA VAL B 168 -9.35 14.78 9.39
C VAL B 168 -8.41 13.63 8.90
N HIS B 169 -8.61 12.36 9.28
CA HIS B 169 -7.78 11.23 8.87
C HIS B 169 -8.68 10.17 8.25
N THR B 170 -8.65 9.97 6.96
CA THR B 170 -9.40 8.87 6.35
C THR B 170 -8.40 7.80 5.98
N PHE B 171 -8.63 6.62 6.58
CA PHE B 171 -7.78 5.44 6.46
C PHE B 171 -8.02 4.59 5.21
N PRO B 172 -7.02 3.91 4.65
CA PRO B 172 -7.24 2.95 3.56
C PRO B 172 -8.17 1.80 3.92
N ALA B 173 -9.04 1.43 3.00
CA ALA B 173 -9.94 0.29 3.18
C ALA B 173 -9.27 -1.04 3.45
N VAL B 174 -9.80 -1.88 4.32
CA VAL B 174 -9.32 -3.24 4.46
C VAL B 174 -10.45 -4.21 4.05
N LEU B 175 -10.11 -5.35 3.48
CA LEU B 175 -11.09 -6.35 3.13
C LEU B 175 -11.41 -7.29 4.29
N GLN B 176 -12.67 -7.30 4.68
CA GLN B 176 -13.16 -8.14 5.76
C GLN B 176 -14.36 -8.94 5.23
N SER B 177 -14.24 -10.26 5.17
CA SER B 177 -15.26 -11.16 4.61
C SER B 177 -15.74 -10.82 3.20
N ASP B 178 -14.76 -10.53 2.31
CA ASP B 178 -15.04 -10.10 0.92
C ASP B 178 -15.79 -8.77 0.68
N LEU B 179 -15.98 -7.95 1.72
CA LEU B 179 -16.48 -6.59 1.53
C LEU B 179 -15.50 -5.59 2.15
N TYR B 180 -15.47 -4.34 1.73
CA TYR B 180 -14.53 -3.38 2.31
C TYR B 180 -15.06 -2.68 3.55
N THR B 181 -14.12 -2.27 4.40
CA THR B 181 -14.35 -1.46 5.58
C THR B 181 -13.30 -0.38 5.65
N LEU B 182 -13.77 0.80 5.99
CA LEU B 182 -12.96 1.99 6.05
C LEU B 182 -13.35 2.81 7.27
N SER B 183 -12.50 3.63 7.88
CA SER B 183 -12.97 4.52 8.90
C SER B 183 -12.34 5.90 8.69
N SER B 184 -12.96 6.91 9.24
CA SER B 184 -12.47 8.26 9.11
C SER B 184 -12.52 8.91 10.44
N SER B 185 -11.56 9.71 10.87
CA SER B 185 -11.67 10.40 12.13
C SER B 185 -11.44 11.90 11.99
N VAL B 186 -11.96 12.63 12.94
CA VAL B 186 -11.73 14.07 13.03
C VAL B 186 -11.44 14.44 14.48
N THR B 187 -10.39 15.22 14.73
CA THR B 187 -10.15 15.76 16.08
C THR B 187 -10.53 17.23 16.16
N VAL B 188 -11.37 17.59 17.12
CA VAL B 188 -11.88 18.97 17.27
C VAL B 188 -11.68 19.49 18.71
N PRO B 189 -11.60 20.82 19.03
CA PRO B 189 -11.52 21.30 20.42
C PRO B 189 -12.61 20.73 21.33
N SER B 190 -12.32 20.21 22.51
CA SER B 190 -13.33 19.65 23.40
C SER B 190 -14.44 20.61 23.85
N SER B 191 -14.15 21.90 23.87
CA SER B 191 -15.20 22.91 24.13
C SER B 191 -16.14 23.10 22.95
N THR B 192 -15.72 22.68 21.75
CA THR B 192 -16.53 22.72 20.54
C THR B 192 -17.62 21.66 20.36
N TRP B 193 -17.51 20.46 20.94
CA TRP B 193 -18.50 19.40 20.76
C TRP B 193 -18.99 18.90 22.12
N PRO B 194 -20.29 18.59 22.38
CA PRO B 194 -21.42 18.49 21.43
C PRO B 194 -22.08 19.78 20.94
N SER B 195 -21.52 20.92 21.34
CA SER B 195 -22.16 22.20 21.05
C SER B 195 -22.32 22.57 19.58
N GLU B 196 -21.23 22.48 18.81
CA GLU B 196 -21.30 22.69 17.36
C GLU B 196 -21.39 21.32 16.72
N THR B 197 -22.51 20.93 16.12
CA THR B 197 -22.61 19.61 15.49
C THR B 197 -21.50 19.13 14.53
N VAL B 198 -21.23 17.82 14.63
CA VAL B 198 -20.27 17.14 13.78
C VAL B 198 -20.97 15.96 13.14
N THR B 199 -21.01 16.01 11.80
CA THR B 199 -21.69 15.01 10.98
C THR B 199 -20.76 14.30 9.98
N CYS B 200 -20.53 12.98 9.87
N CYS B 200 -20.53 12.98 9.87
CA CYS B 200 -19.73 12.57 8.69
CA CYS B 200 -19.73 12.57 8.69
C CYS B 200 -20.62 12.28 7.49
C CYS B 200 -20.62 12.28 7.49
N ASN B 201 -20.21 12.67 6.27
CA ASN B 201 -21.00 12.42 5.06
C ASN B 201 -20.36 11.35 4.18
N VAL B 202 -21.00 10.21 4.00
CA VAL B 202 -20.47 9.15 3.17
C VAL B 202 -21.22 8.95 1.86
N ALA B 203 -20.49 8.98 0.76
CA ALA B 203 -21.04 8.64 -0.54
C ALA B 203 -20.34 7.42 -1.11
N HIS B 204 -21.18 6.56 -1.68
CA HIS B 204 -20.73 5.34 -2.34
C HIS B 204 -21.35 5.34 -3.73
N PRO B 205 -20.72 5.95 -4.74
CA PRO B 205 -21.28 6.14 -6.08
C PRO B 205 -21.79 4.88 -6.73
N ALA B 206 -21.10 3.75 -6.71
CA ALA B 206 -21.60 2.51 -7.33
C ALA B 206 -23.00 2.04 -6.96
N SER B 207 -23.41 2.38 -5.75
CA SER B 207 -24.75 2.01 -5.30
C SER B 207 -25.60 3.26 -5.06
N SER B 208 -25.13 4.37 -5.65
CA SER B 208 -25.64 5.74 -5.46
C SER B 208 -26.13 6.13 -4.08
N THR B 209 -25.33 5.67 -3.13
CA THR B 209 -25.55 5.90 -1.72
C THR B 209 -25.01 7.26 -1.24
N LYS B 210 -25.84 8.04 -0.56
CA LYS B 210 -25.35 9.23 0.11
C LYS B 210 -25.96 9.29 1.49
N VAL B 211 -25.18 9.04 2.54
CA VAL B 211 -25.66 8.99 3.91
C VAL B 211 -24.89 9.89 4.88
N ASP B 212 -25.65 10.56 5.73
CA ASP B 212 -25.10 11.45 6.74
C ASP B 212 -25.28 10.92 8.15
N LYS B 213 -24.20 10.95 8.92
CA LYS B 213 -24.24 10.48 10.28
C LYS B 213 -23.77 11.49 11.34
N LYS B 214 -24.75 12.06 12.09
CA LYS B 214 -24.45 12.95 13.20
C LYS B 214 -23.79 12.15 14.33
N ILE B 215 -22.67 12.64 14.85
CA ILE B 215 -21.98 12.03 16.00
C ILE B 215 -22.57 12.63 17.27
N VAL B 216 -23.12 11.74 18.08
CA VAL B 216 -23.81 12.08 19.31
C VAL B 216 -23.12 11.49 20.53
N PRO B 217 -23.04 12.15 21.69
CA PRO B 217 -22.43 11.59 22.89
C PRO B 217 -23.02 10.28 23.35
N ARG B 218 -22.28 9.41 24.00
CA ARG B 218 -22.79 8.13 24.43
C ARG B 218 -23.28 8.14 25.87
#